data_2VRW
#
_entry.id   2VRW
#
_cell.length_a   122.763
_cell.length_b   62.143
_cell.length_c   103.281
_cell.angle_alpha   90.00
_cell.angle_beta   118.80
_cell.angle_gamma   90.00
#
_symmetry.space_group_name_H-M   'C 1 2 1'
#
loop_
_entity.id
_entity.type
_entity.pdbx_description
1 polymer 'RAS-RELATED C3 BOTULINUM TOXIN SUBSTRATE 1'
2 polymer 'PROTO-ONCOGENE VAV'
3 non-polymer 'ZINC ION'
4 water water
#
loop_
_entity_poly.entity_id
_entity_poly.type
_entity_poly.pdbx_seq_one_letter_code
_entity_poly.pdbx_strand_id
1 'polypeptide(L)'
;MQAIKCVVVGDGAVGKTCLLISYTTNAFPGEYIPTVFDNYSANVMVDGKPVNLGLWDTAGQEDYDRLRPLSYPQTDVFLI
CFSLVSPASFENVRAKWYPEVRHHCPNTPIILVGTKLDLRDDKDTIEKLKEKKLTPITYPQGLAMAKEIGAVKYLECSAL
TQRGLKTVFDEAIRAVLCPPPVKK
;
A
2 'polypeptide(L)'
;GDEIYEDLMRLESVPTPPKMTEYDKRCCCLREIQQTEEKYTDTLGSIQQHFMKPLQRFLKPQDMETIFVNIEELFSVHTH
FLKELKDALAGPGATTLYQVFIKYKERFLVYGRYCSQVESASKHLDQVATAREDVQMKLEECSQRANNGRFTLRDLLMVP
MQRVLKYHLLLQELVKHTQDATEKENLRLALDAMRDLAQCVNEVKRDNETLRQITNFQLSIENLDQSLANYGRPKIDGEL
KITSVERRSKTDRYAFLLDKALLICKRRGDSYDLKASVNLHSFQVRDDSSGERDNKKWSHMFLLIEDQGAQGYELFFKTR
ELKKKWMEQFEMAISNIYPENATANGHDFQMFSFEETTSCKACQMLLRGTFYQGYRCYRCRAPAHKECLGRVPPCGRHGQ
DFAGTM
;
B
#
loop_
_chem_comp.id
_chem_comp.type
_chem_comp.name
_chem_comp.formula
ZN non-polymer 'ZINC ION' 'Zn 2'
#
# COMPACT_ATOMS: atom_id res chain seq x y z
N MET A 1 -22.99 -22.42 7.79
CA MET A 1 -23.04 -20.99 7.39
C MET A 1 -21.65 -20.40 7.22
N GLN A 2 -21.20 -20.31 5.97
CA GLN A 2 -19.88 -19.74 5.66
C GLN A 2 -19.96 -18.23 5.41
N ALA A 3 -18.94 -17.53 5.90
CA ALA A 3 -18.81 -16.08 5.74
C ALA A 3 -18.10 -15.69 4.43
N ILE A 4 -18.89 -15.46 3.38
CA ILE A 4 -18.38 -15.24 2.02
C ILE A 4 -17.79 -13.83 1.90
N LYS A 5 -16.48 -13.76 1.65
CA LYS A 5 -15.76 -12.48 1.55
C LYS A 5 -15.78 -11.92 0.13
N CYS A 6 -16.47 -10.78 -0.01
CA CYS A 6 -16.55 -10.08 -1.29
C CYS A 6 -15.82 -8.74 -1.16
N VAL A 7 -14.78 -8.55 -1.98
CA VAL A 7 -13.96 -7.34 -1.92
C VAL A 7 -14.17 -6.47 -3.17
N VAL A 8 -14.38 -5.17 -2.95
CA VAL A 8 -14.67 -4.27 -4.05
C VAL A 8 -13.42 -3.43 -4.35
N VAL A 9 -12.92 -3.58 -5.58
CA VAL A 9 -11.69 -2.88 -6.00
C VAL A 9 -11.95 -2.03 -7.24
N GLY A 10 -11.09 -1.05 -7.48
CA GLY A 10 -11.21 -0.16 -8.62
C GLY A 10 -10.74 1.22 -8.27
N ASP A 11 -10.70 2.09 -9.27
CA ASP A 11 -10.22 3.45 -9.10
C ASP A 11 -11.04 4.20 -8.06
N GLY A 12 -10.41 5.17 -7.40
CA GLY A 12 -11.11 6.08 -6.50
C GLY A 12 -12.20 6.80 -7.27
N ALA A 13 -13.27 7.16 -6.57
CA ALA A 13 -14.34 7.97 -7.14
C ALA A 13 -15.03 7.35 -8.37
N VAL A 14 -14.95 6.02 -8.48
CA VAL A 14 -15.89 5.25 -9.31
C VAL A 14 -17.12 4.90 -8.47
N GLY A 15 -17.10 5.34 -7.22
CA GLY A 15 -18.23 5.18 -6.31
C GLY A 15 -18.33 3.82 -5.67
N LYS A 16 -17.20 3.19 -5.38
CA LYS A 16 -17.20 1.89 -4.65
C LYS A 16 -17.95 2.02 -3.32
N THR A 17 -17.61 3.05 -2.57
CA THR A 17 -18.23 3.30 -1.26
C THR A 17 -19.74 3.54 -1.39
N CYS A 18 -20.12 4.37 -2.36
CA CYS A 18 -21.53 4.67 -2.64
C CYS A 18 -22.35 3.41 -2.91
N LEU A 19 -21.76 2.50 -3.69
CA LEU A 19 -22.40 1.26 -4.11
C LEU A 19 -22.67 0.39 -2.89
N LEU A 20 -21.67 0.26 -2.04
CA LEU A 20 -21.77 -0.57 -0.84
C LEU A 20 -22.77 -0.02 0.18
N ILE A 21 -22.74 1.29 0.38
CA ILE A 21 -23.67 1.94 1.29
C ILE A 21 -25.10 1.79 0.78
N SER A 22 -25.29 2.03 -0.52
CA SER A 22 -26.64 1.92 -1.10
C SER A 22 -27.22 0.51 -0.98
N TYR A 23 -26.41 -0.51 -1.22
CA TYR A 23 -26.85 -1.91 -1.12
C TYR A 23 -27.19 -2.34 0.30
N THR A 24 -26.28 -2.06 1.24
CA THR A 24 -26.39 -2.59 2.60
C THR A 24 -27.48 -1.92 3.40
N THR A 25 -27.71 -0.64 3.10
CA THR A 25 -28.74 0.14 3.79
C THR A 25 -30.04 0.18 2.98
N ASN A 26 -29.98 -0.31 1.74
CA ASN A 26 -31.05 -0.19 0.73
C ASN A 26 -31.18 1.23 0.14
N ALA A 27 -31.56 2.21 0.96
CA ALA A 27 -31.75 3.58 0.47
C ALA A 27 -30.47 4.20 -0.11
N PHE A 28 -30.64 5.15 -1.03
CA PHE A 28 -29.50 5.94 -1.52
C PHE A 28 -29.04 6.88 -0.40
N PRO A 29 -27.73 6.84 -0.06
CA PRO A 29 -27.12 7.63 1.03
C PRO A 29 -27.59 9.09 1.14
N GLY A 30 -28.07 9.66 0.04
CA GLY A 30 -28.54 11.04 0.04
C GLY A 30 -27.54 11.97 -0.61
N GLU A 31 -27.70 13.27 -0.39
CA GLU A 31 -26.84 14.28 -1.02
C GLU A 31 -25.43 14.33 -0.44
N TYR A 32 -25.30 13.95 0.83
CA TYR A 32 -23.97 13.71 1.39
C TYR A 32 -23.65 12.23 1.27
N ILE A 33 -22.61 11.92 0.49
CA ILE A 33 -22.10 10.57 0.38
C ILE A 33 -21.02 10.37 1.45
N PRO A 34 -21.28 9.47 2.42
CA PRO A 34 -20.22 9.21 3.41
C PRO A 34 -18.96 8.65 2.76
N THR A 35 -17.81 9.01 3.32
CA THR A 35 -16.51 8.53 2.85
C THR A 35 -16.21 7.11 3.33
N VAL A 36 -16.73 6.76 4.49
CA VAL A 36 -16.37 5.50 5.13
C VAL A 36 -17.49 4.47 5.05
N PHE A 37 -17.14 3.33 4.47
CA PHE A 37 -17.94 2.12 4.59
C PHE A 37 -17.12 1.12 5.39
N ASP A 38 -17.54 0.84 6.61
CA ASP A 38 -16.85 -0.16 7.39
C ASP A 38 -17.32 -1.55 6.98
N ASN A 39 -16.44 -2.54 7.15
CA ASN A 39 -16.77 -3.93 6.83
C ASN A 39 -18.16 -4.29 7.34
N TYR A 40 -18.93 -4.97 6.51
CA TYR A 40 -20.32 -5.31 6.80
C TYR A 40 -20.50 -6.81 6.66
N SER A 41 -21.34 -7.37 7.53
CA SER A 41 -21.66 -8.78 7.51
C SER A 41 -23.15 -8.94 7.79
N ALA A 42 -23.84 -9.64 6.90
CA ALA A 42 -25.27 -9.92 7.06
C ALA A 42 -25.74 -11.10 6.21
N ASN A 43 -26.83 -11.72 6.64
CA ASN A 43 -27.47 -12.79 5.90
C ASN A 43 -28.25 -12.27 4.71
N VAL A 44 -27.98 -12.86 3.55
CA VAL A 44 -28.70 -12.55 2.32
C VAL A 44 -29.36 -13.84 1.84
N MET A 45 -30.58 -13.72 1.33
CA MET A 45 -31.27 -14.86 0.72
C MET A 45 -31.00 -14.87 -0.78
N VAL A 46 -30.31 -15.91 -1.25
CA VAL A 46 -30.06 -16.09 -2.67
C VAL A 46 -30.51 -17.50 -3.08
N ASP A 47 -31.37 -17.56 -4.09
CA ASP A 47 -31.92 -18.81 -4.62
C ASP A 47 -32.41 -19.74 -3.50
N GLY A 48 -33.20 -19.18 -2.59
CA GLY A 48 -33.85 -19.94 -1.53
C GLY A 48 -33.00 -20.28 -0.32
N LYS A 49 -31.72 -19.94 -0.36
CA LYS A 49 -30.78 -20.29 0.71
C LYS A 49 -30.13 -19.06 1.35
N PRO A 50 -29.99 -19.07 2.69
CA PRO A 50 -29.31 -17.99 3.40
C PRO A 50 -27.79 -18.07 3.22
N VAL A 51 -27.18 -16.91 3.01
CA VAL A 51 -25.73 -16.82 2.89
C VAL A 51 -25.20 -15.63 3.69
N ASN A 52 -24.16 -15.88 4.46
CA ASN A 52 -23.50 -14.84 5.24
C ASN A 52 -22.51 -14.09 4.34
N LEU A 53 -22.87 -12.87 3.97
CA LEU A 53 -22.07 -12.07 3.03
C LEU A 53 -21.24 -10.99 3.75
N GLY A 54 -19.92 -11.08 3.59
CA GLY A 54 -19.01 -10.09 4.12
C GLY A 54 -18.56 -9.17 3.01
N LEU A 55 -18.74 -7.86 3.23
CA LEU A 55 -18.42 -6.88 2.21
C LEU A 55 -17.29 -5.97 2.67
N TRP A 56 -16.31 -5.79 1.79
CA TRP A 56 -15.12 -5.00 2.06
C TRP A 56 -14.95 -3.89 1.03
N ASP A 57 -14.80 -2.66 1.50
CA ASP A 57 -14.47 -1.54 0.63
C ASP A 57 -12.94 -1.45 0.63
N THR A 58 -12.37 -0.87 -0.42
CA THR A 58 -10.92 -0.67 -0.49
C THR A 58 -10.59 0.81 -0.63
N ALA A 59 -11.61 1.65 -0.54
CA ALA A 59 -11.43 3.10 -0.70
C ALA A 59 -10.34 3.66 0.20
N GLY A 60 -9.42 4.42 -0.42
CA GLY A 60 -8.28 5.00 0.28
C GLY A 60 -6.98 4.22 0.07
N GLN A 61 -7.10 2.96 -0.38
CA GLN A 61 -5.93 2.10 -0.56
C GLN A 61 -5.33 2.16 -1.96
N GLU A 62 -6.07 2.77 -2.90
CA GLU A 62 -5.75 2.62 -4.32
C GLU A 62 -4.34 3.08 -4.76
N ASP A 63 -3.81 4.13 -4.13
CA ASP A 63 -2.51 4.70 -4.52
C ASP A 63 -1.30 4.07 -3.80
N TYR A 64 -1.53 3.04 -2.99
CA TYR A 64 -0.48 2.49 -2.11
C TYR A 64 -0.17 1.03 -2.42
N ASP A 65 0.84 0.82 -3.27
CA ASP A 65 1.06 -0.47 -3.92
C ASP A 65 1.37 -1.64 -2.98
N ARG A 66 2.03 -1.36 -1.85
CA ARG A 66 2.35 -2.42 -0.88
C ARG A 66 1.26 -2.67 0.17
N LEU A 67 0.34 -1.72 0.32
CA LEU A 67 -0.72 -1.83 1.32
C LEU A 67 -2.02 -2.39 0.71
N ARG A 68 -2.33 -1.91 -0.49
CA ARG A 68 -3.39 -2.40 -1.36
C ARG A 68 -3.66 -3.93 -1.26
N PRO A 69 -2.61 -4.77 -1.47
CA PRO A 69 -2.80 -6.23 -1.49
C PRO A 69 -3.15 -6.89 -0.15
N LEU A 70 -3.05 -6.14 0.96
CA LEU A 70 -3.38 -6.69 2.27
C LEU A 70 -4.85 -7.15 2.35
N SER A 71 -5.72 -6.49 1.58
CA SER A 71 -7.15 -6.83 1.54
C SER A 71 -7.46 -8.15 0.81
N TYR A 72 -6.53 -8.64 0.00
CA TYR A 72 -6.86 -9.70 -0.96
C TYR A 72 -6.93 -11.13 -0.42
N PRO A 73 -5.99 -11.55 0.45
CA PRO A 73 -6.01 -12.96 0.87
C PRO A 73 -7.36 -13.41 1.46
N GLN A 74 -7.76 -14.61 1.06
CA GLN A 74 -8.99 -15.28 1.52
C GLN A 74 -10.30 -14.63 1.01
N THR A 75 -10.18 -13.86 -0.07
CA THR A 75 -11.34 -13.31 -0.76
C THR A 75 -12.01 -14.43 -1.55
N ASP A 76 -13.34 -14.50 -1.47
CA ASP A 76 -14.10 -15.51 -2.21
C ASP A 76 -14.54 -15.02 -3.58
N VAL A 77 -14.74 -13.69 -3.71
CA VAL A 77 -15.16 -13.09 -4.98
C VAL A 77 -14.76 -11.60 -5.01
N PHE A 78 -14.24 -11.15 -6.15
CA PHE A 78 -13.96 -9.73 -6.35
C PHE A 78 -15.01 -9.05 -7.21
N LEU A 79 -15.36 -7.82 -6.85
CA LEU A 79 -16.02 -6.95 -7.79
C LEU A 79 -14.95 -5.96 -8.28
N ILE A 80 -14.57 -6.07 -9.54
CA ILE A 80 -13.68 -5.07 -10.12
C ILE A 80 -14.56 -4.01 -10.79
N CYS A 81 -14.45 -2.78 -10.31
CA CYS A 81 -15.36 -1.71 -10.71
C CYS A 81 -14.68 -0.63 -11.53
N PHE A 82 -15.45 -0.07 -12.46
CA PHE A 82 -15.08 1.16 -13.17
C PHE A 82 -16.36 1.98 -13.33
N SER A 83 -16.22 3.30 -13.51
CA SER A 83 -17.37 4.16 -13.77
C SER A 83 -17.65 4.20 -15.26
N LEU A 84 -18.93 4.09 -15.62
CA LEU A 84 -19.35 4.16 -17.02
C LEU A 84 -19.12 5.53 -17.63
N VAL A 85 -18.95 6.54 -16.78
CA VAL A 85 -18.68 7.90 -17.25
C VAL A 85 -17.23 8.33 -17.00
N SER A 86 -16.34 7.35 -16.86
CA SER A 86 -14.90 7.59 -16.74
C SER A 86 -14.06 6.55 -17.51
N PRO A 87 -13.75 6.82 -18.79
CA PRO A 87 -12.86 5.96 -19.58
C PRO A 87 -11.50 5.64 -18.93
N ALA A 88 -10.94 6.58 -18.17
CA ALA A 88 -9.69 6.36 -17.45
C ALA A 88 -9.79 5.18 -16.46
N SER A 89 -10.90 5.11 -15.73
CA SER A 89 -11.14 4.03 -14.78
C SER A 89 -11.36 2.69 -15.49
N PHE A 90 -12.00 2.74 -16.65
CA PHE A 90 -12.20 1.56 -17.49
C PHE A 90 -10.85 0.99 -17.94
N GLU A 91 -9.95 1.85 -18.43
CA GLU A 91 -8.61 1.43 -18.86
C GLU A 91 -7.79 0.82 -17.73
N ASN A 92 -7.93 1.36 -16.52
CA ASN A 92 -7.24 0.82 -15.35
C ASN A 92 -7.66 -0.58 -14.95
N VAL A 93 -8.85 -1.01 -15.37
CA VAL A 93 -9.27 -2.40 -15.17
C VAL A 93 -8.26 -3.35 -15.83
N ARG A 94 -7.97 -3.12 -17.10
CA ARG A 94 -7.03 -3.99 -17.80
C ARG A 94 -5.58 -3.68 -17.42
N ALA A 95 -5.26 -2.41 -17.16
CA ALA A 95 -3.87 -2.00 -16.94
C ALA A 95 -3.38 -2.23 -15.51
N LYS A 96 -4.29 -2.20 -14.54
CA LYS A 96 -3.91 -2.22 -13.12
C LYS A 96 -4.65 -3.28 -12.31
N TRP A 97 -5.98 -3.23 -12.31
CA TRP A 97 -6.76 -3.99 -11.33
C TRP A 97 -6.82 -5.48 -11.61
N TYR A 98 -7.24 -5.87 -12.80
CA TYR A 98 -7.30 -7.28 -13.15
C TYR A 98 -5.94 -7.98 -12.94
N PRO A 99 -4.84 -7.47 -13.54
CA PRO A 99 -3.55 -8.16 -13.38
C PRO A 99 -3.07 -8.27 -11.93
N GLU A 100 -3.30 -7.24 -11.12
CA GLU A 100 -2.92 -7.28 -9.70
C GLU A 100 -3.75 -8.31 -8.94
N VAL A 101 -5.06 -8.26 -9.14
CA VAL A 101 -5.98 -9.20 -8.49
C VAL A 101 -5.66 -10.65 -8.90
N ARG A 102 -5.48 -10.87 -10.20
CA ARG A 102 -5.12 -12.20 -10.72
C ARG A 102 -3.80 -12.75 -10.19
N HIS A 103 -2.81 -11.87 -10.00
CA HIS A 103 -1.52 -12.27 -9.47
C HIS A 103 -1.63 -12.80 -8.03
N HIS A 104 -2.33 -12.05 -7.18
CA HIS A 104 -2.46 -12.41 -5.78
C HIS A 104 -3.46 -13.55 -5.57
N CYS A 105 -4.47 -13.61 -6.43
CA CYS A 105 -5.57 -14.56 -6.27
C CYS A 105 -5.87 -15.26 -7.61
N PRO A 106 -5.02 -16.24 -8.00
CA PRO A 106 -5.14 -16.95 -9.29
C PRO A 106 -6.51 -17.54 -9.60
N ASN A 107 -7.21 -18.06 -8.59
CA ASN A 107 -8.44 -18.83 -8.81
C ASN A 107 -9.75 -18.16 -8.39
N THR A 108 -9.64 -16.93 -7.88
CA THR A 108 -10.82 -16.24 -7.35
C THR A 108 -11.67 -15.64 -8.47
N PRO A 109 -12.99 -15.90 -8.46
CA PRO A 109 -13.94 -15.35 -9.42
C PRO A 109 -14.00 -13.80 -9.39
N ILE A 110 -14.06 -13.21 -10.57
CA ILE A 110 -14.19 -11.76 -10.74
C ILE A 110 -15.51 -11.42 -11.43
N ILE A 111 -16.21 -10.43 -10.88
CA ILE A 111 -17.35 -9.81 -11.54
C ILE A 111 -16.92 -8.42 -11.98
N LEU A 112 -17.10 -8.10 -13.26
CA LEU A 112 -16.80 -6.75 -13.76
C LEU A 112 -18.03 -5.86 -13.66
N VAL A 113 -17.91 -4.77 -12.92
CA VAL A 113 -19.04 -3.90 -12.59
C VAL A 113 -18.86 -2.47 -13.14
N GLY A 114 -19.77 -2.08 -14.02
CA GLY A 114 -19.85 -0.69 -14.49
C GLY A 114 -20.78 0.09 -13.57
N THR A 115 -20.25 1.14 -12.96
CA THR A 115 -21.02 1.95 -12.02
C THR A 115 -21.52 3.25 -12.65
N LYS A 116 -22.37 3.96 -11.92
CA LYS A 116 -22.91 5.26 -12.35
C LYS A 116 -23.74 5.15 -13.63
N LEU A 117 -24.50 4.06 -13.72
CA LEU A 117 -25.40 3.81 -14.87
C LEU A 117 -26.36 4.97 -15.10
N ASP A 118 -26.82 5.58 -14.02
CA ASP A 118 -27.76 6.70 -14.09
C ASP A 118 -27.20 7.91 -14.85
N LEU A 119 -25.88 8.07 -14.85
CA LEU A 119 -25.22 9.21 -15.47
C LEU A 119 -24.90 9.07 -16.97
N ARG A 120 -24.86 7.83 -17.48
CA ARG A 120 -24.60 7.61 -18.90
C ARG A 120 -25.66 8.29 -19.77
N ASP A 121 -26.89 8.34 -19.25
CA ASP A 121 -28.03 8.94 -19.94
C ASP A 121 -28.25 10.41 -19.56
N ASP A 122 -27.54 10.87 -18.53
CA ASP A 122 -27.69 12.25 -18.02
C ASP A 122 -27.13 13.28 -18.99
N LYS A 123 -27.96 14.28 -19.29
CA LYS A 123 -27.64 15.33 -20.26
C LYS A 123 -26.38 16.11 -19.89
N ASP A 124 -26.30 16.56 -18.64
CA ASP A 124 -25.20 17.40 -18.16
C ASP A 124 -23.87 16.66 -18.10
N THR A 125 -23.90 15.37 -17.77
CA THR A 125 -22.71 14.54 -17.73
C THR A 125 -22.17 14.26 -19.13
N ILE A 126 -23.07 13.99 -20.08
CA ILE A 126 -22.70 13.80 -21.48
C ILE A 126 -22.01 15.07 -22.02
N GLU A 127 -22.50 16.23 -21.58
CA GLU A 127 -21.96 17.52 -21.99
C GLU A 127 -20.53 17.73 -21.50
N LYS A 128 -20.29 17.55 -20.21
CA LYS A 128 -18.99 17.80 -19.59
C LYS A 128 -17.91 16.80 -20.01
N LEU A 129 -18.33 15.59 -20.39
CA LEU A 129 -17.42 14.59 -20.94
C LEU A 129 -17.03 14.93 -22.37
N LYS A 130 -18.03 15.25 -23.19
CA LYS A 130 -17.82 15.72 -24.56
C LYS A 130 -16.90 16.93 -24.56
N GLU A 131 -17.09 17.79 -23.56
CA GLU A 131 -16.24 18.95 -23.30
C GLU A 131 -14.78 18.53 -23.06
N LYS A 132 -14.59 17.39 -22.39
CA LYS A 132 -13.25 16.87 -22.10
C LYS A 132 -12.76 15.88 -23.17
N LYS A 133 -13.40 15.88 -24.33
CA LYS A 133 -13.07 14.97 -25.44
C LYS A 133 -13.31 13.50 -25.04
N LEU A 134 -14.40 13.26 -24.31
CA LEU A 134 -14.71 11.92 -23.80
C LEU A 134 -16.14 11.49 -24.09
N THR A 135 -16.36 10.18 -24.03
CA THR A 135 -17.67 9.57 -24.21
C THR A 135 -17.84 8.38 -23.26
N PRO A 136 -19.04 8.20 -22.68
CA PRO A 136 -19.27 7.10 -21.73
C PRO A 136 -19.05 5.71 -22.34
N ILE A 137 -18.77 4.74 -21.47
CA ILE A 137 -18.54 3.35 -21.86
C ILE A 137 -19.89 2.69 -22.16
N THR A 138 -20.01 2.06 -23.33
CA THR A 138 -21.26 1.42 -23.73
C THR A 138 -21.31 -0.01 -23.24
N TYR A 139 -22.52 -0.58 -23.17
CA TYR A 139 -22.69 -1.96 -22.72
C TYR A 139 -21.83 -2.99 -23.48
N PRO A 140 -21.86 -2.97 -24.84
CA PRO A 140 -20.99 -3.91 -25.57
C PRO A 140 -19.50 -3.76 -25.24
N GLN A 141 -19.04 -2.54 -25.00
CA GLN A 141 -17.65 -2.30 -24.60
C GLN A 141 -17.32 -2.93 -23.24
N GLY A 142 -18.24 -2.79 -22.29
CA GLY A 142 -18.08 -3.38 -20.97
C GLY A 142 -18.09 -4.89 -21.03
N LEU A 143 -19.04 -5.44 -21.78
CA LEU A 143 -19.15 -6.87 -22.00
C LEU A 143 -17.87 -7.44 -22.60
N ALA A 144 -17.32 -6.74 -23.60
CA ALA A 144 -16.09 -7.14 -24.26
C ALA A 144 -14.89 -7.20 -23.32
N MET A 145 -14.79 -6.22 -22.42
CA MET A 145 -13.74 -6.18 -21.41
C MET A 145 -13.87 -7.37 -20.46
N ALA A 146 -15.11 -7.68 -20.08
CA ALA A 146 -15.38 -8.80 -19.16
C ALA A 146 -14.91 -10.13 -19.75
N LYS A 147 -15.15 -10.34 -21.04
CA LYS A 147 -14.68 -11.54 -21.74
C LYS A 147 -13.16 -11.55 -21.81
N GLU A 148 -12.57 -10.38 -22.08
CA GLU A 148 -11.12 -10.20 -22.19
C GLU A 148 -10.36 -10.57 -20.90
N ILE A 149 -10.92 -10.22 -19.75
CA ILE A 149 -10.27 -10.51 -18.46
C ILE A 149 -10.77 -11.82 -17.82
N GLY A 150 -11.67 -12.50 -18.50
CA GLY A 150 -12.25 -13.74 -17.98
C GLY A 150 -13.10 -13.56 -16.74
N ALA A 151 -13.82 -12.44 -16.67
CA ALA A 151 -14.79 -12.23 -15.59
C ALA A 151 -15.94 -13.21 -15.71
N VAL A 152 -16.52 -13.57 -14.57
CA VAL A 152 -17.69 -14.46 -14.53
C VAL A 152 -18.88 -13.81 -15.25
N LYS A 153 -19.12 -12.53 -14.94
CA LYS A 153 -20.18 -11.75 -15.57
C LYS A 153 -19.82 -10.26 -15.66
N TYR A 154 -20.45 -9.57 -16.61
CA TYR A 154 -20.43 -8.10 -16.65
C TYR A 154 -21.79 -7.57 -16.21
N LEU A 155 -21.78 -6.64 -15.26
CA LEU A 155 -23.01 -6.04 -14.77
C LEU A 155 -22.89 -4.53 -14.67
N GLU A 156 -23.98 -3.84 -14.95
CA GLU A 156 -24.05 -2.39 -14.78
C GLU A 156 -25.05 -2.06 -13.68
N CYS A 157 -24.75 -1.02 -12.90
CA CYS A 157 -25.63 -0.62 -11.82
C CYS A 157 -25.53 0.86 -11.50
N SER A 158 -26.50 1.33 -10.71
CA SER A 158 -26.53 2.69 -10.21
C SER A 158 -26.72 2.64 -8.69
N ALA A 159 -25.79 3.24 -7.96
CA ALA A 159 -25.94 3.38 -6.52
C ALA A 159 -27.15 4.28 -6.21
N LEU A 160 -27.34 5.30 -7.03
CA LEU A 160 -28.37 6.32 -6.82
C LEU A 160 -29.79 5.78 -6.99
N THR A 161 -30.04 5.09 -8.10
CA THR A 161 -31.38 4.56 -8.39
C THR A 161 -31.54 3.11 -7.93
N GLN A 162 -30.41 2.49 -7.57
CA GLN A 162 -30.35 1.08 -7.18
C GLN A 162 -30.65 0.11 -8.32
N ARG A 163 -30.72 0.63 -9.54
CA ARG A 163 -30.93 -0.22 -10.71
C ARG A 163 -29.76 -1.18 -10.86
N GLY A 164 -30.07 -2.47 -10.96
CA GLY A 164 -29.05 -3.51 -11.12
C GLY A 164 -28.19 -3.81 -9.90
N LEU A 165 -28.48 -3.17 -8.77
CA LEU A 165 -27.64 -3.28 -7.56
C LEU A 165 -27.76 -4.64 -6.87
N LYS A 166 -28.99 -5.05 -6.56
CA LYS A 166 -29.25 -6.37 -5.97
C LYS A 166 -28.63 -7.49 -6.82
N THR A 167 -28.72 -7.35 -8.15
CA THR A 167 -28.18 -8.32 -9.10
C THR A 167 -26.67 -8.51 -8.98
N VAL A 168 -25.94 -7.41 -8.77
CA VAL A 168 -24.48 -7.45 -8.61
C VAL A 168 -24.07 -8.42 -7.52
N PHE A 169 -24.69 -8.27 -6.36
CA PHE A 169 -24.32 -9.06 -5.19
C PHE A 169 -24.89 -10.46 -5.22
N ASP A 170 -26.08 -10.60 -5.81
CA ASP A 170 -26.64 -11.93 -6.10
C ASP A 170 -25.69 -12.74 -6.98
N GLU A 171 -25.19 -12.11 -8.04
CA GLU A 171 -24.29 -12.77 -8.99
C GLU A 171 -22.92 -13.07 -8.38
N ALA A 172 -22.44 -12.18 -7.52
CA ALA A 172 -21.22 -12.40 -6.75
C ALA A 172 -21.33 -13.67 -5.91
N ILE A 173 -22.45 -13.80 -5.21
CA ILE A 173 -22.71 -14.97 -4.36
C ILE A 173 -22.85 -16.24 -5.19
N ARG A 174 -23.57 -16.16 -6.31
CA ARG A 174 -23.72 -17.30 -7.22
C ARG A 174 -22.39 -17.75 -7.82
N ALA A 175 -21.50 -16.80 -8.09
CA ALA A 175 -20.16 -17.10 -8.63
C ALA A 175 -19.32 -17.91 -7.65
N VAL A 176 -19.58 -17.75 -6.36
CA VAL A 176 -18.89 -18.51 -5.33
C VAL A 176 -19.54 -19.90 -5.17
N LEU A 177 -20.87 -19.93 -5.11
CA LEU A 177 -21.60 -21.17 -4.84
C LEU A 177 -21.78 -22.05 -6.09
N THR B 21 -25.71 24.28 0.16
CA THR B 21 -25.63 22.84 0.48
C THR B 21 -24.18 22.46 0.87
N GLU B 22 -23.23 23.29 0.44
CA GLU B 22 -21.81 23.07 0.72
C GLU B 22 -21.51 23.06 2.21
N TYR B 23 -22.12 24.00 2.95
CA TYR B 23 -21.97 24.08 4.39
C TYR B 23 -22.59 22.88 5.10
N ASP B 24 -23.74 22.43 4.60
CA ASP B 24 -24.40 21.21 5.10
C ASP B 24 -23.48 20.01 4.95
N LYS B 25 -22.82 19.90 3.80
CA LYS B 25 -21.89 18.80 3.54
C LYS B 25 -20.62 18.90 4.40
N ARG B 26 -20.15 20.14 4.63
CA ARG B 26 -19.04 20.40 5.54
C ARG B 26 -19.33 19.86 6.95
N CYS B 27 -20.50 20.17 7.48
CA CYS B 27 -20.86 19.76 8.83
C CYS B 27 -21.11 18.26 8.97
N CYS B 28 -21.69 17.66 7.93
CA CYS B 28 -21.86 16.20 7.85
C CYS B 28 -20.50 15.51 7.88
N CYS B 29 -19.56 16.06 7.12
CA CYS B 29 -18.21 15.52 7.02
C CYS B 29 -17.47 15.59 8.36
N LEU B 30 -17.59 16.73 9.06
CA LEU B 30 -16.99 16.87 10.38
C LEU B 30 -17.55 15.84 11.36
N ARG B 31 -18.87 15.66 11.33
CA ARG B 31 -19.51 14.65 12.17
C ARG B 31 -19.03 13.23 11.82
N GLU B 32 -18.85 12.95 10.53
CA GLU B 32 -18.37 11.61 10.12
C GLU B 32 -16.95 11.35 10.62
N ILE B 33 -16.12 12.38 10.59
CA ILE B 33 -14.74 12.26 11.07
C ILE B 33 -14.78 11.76 12.53
N GLN B 34 -15.60 12.43 13.35
CA GLN B 34 -15.69 12.08 14.76
C GLN B 34 -16.32 10.71 14.98
N GLN B 35 -17.47 10.46 14.34
CA GLN B 35 -18.22 9.22 14.52
C GLN B 35 -17.42 8.00 14.07
N THR B 36 -16.70 8.12 12.96
CA THR B 36 -15.90 6.99 12.46
C THR B 36 -14.67 6.75 13.35
N GLU B 37 -14.13 7.82 13.94
CA GLU B 37 -12.99 7.67 14.87
C GLU B 37 -13.43 7.00 16.17
N GLU B 38 -14.62 7.38 16.65
CA GLU B 38 -15.21 6.75 17.82
C GLU B 38 -15.40 5.25 17.58
N LYS B 39 -15.95 4.89 16.40
CA LYS B 39 -16.22 3.50 16.05
C LYS B 39 -14.90 2.71 15.97
N TYR B 40 -13.90 3.33 15.37
CA TYR B 40 -12.60 2.68 15.21
C TYR B 40 -11.92 2.43 16.57
N THR B 41 -11.90 3.45 17.43
CA THR B 41 -11.31 3.32 18.75
C THR B 41 -12.02 2.23 19.53
N ASP B 42 -13.35 2.19 19.43
CA ASP B 42 -14.13 1.11 20.05
C ASP B 42 -13.80 -0.28 19.48
N THR B 43 -13.55 -0.39 18.18
CA THR B 43 -13.12 -1.65 17.56
C THR B 43 -11.78 -2.11 18.14
N LEU B 44 -10.83 -1.19 18.28
CA LEU B 44 -9.54 -1.48 18.91
C LEU B 44 -9.74 -1.96 20.35
N GLY B 45 -10.60 -1.26 21.08
CA GLY B 45 -10.98 -1.64 22.45
C GLY B 45 -11.57 -3.04 22.54
N SER B 46 -12.43 -3.37 21.57
CA SER B 46 -13.06 -4.69 21.52
CA SER B 46 -13.06 -4.69 21.50
C SER B 46 -12.02 -5.78 21.28
N ILE B 47 -11.05 -5.53 20.40
CA ILE B 47 -9.95 -6.47 20.15
C ILE B 47 -9.19 -6.73 21.46
N GLN B 48 -8.85 -5.65 22.18
CA GLN B 48 -8.13 -5.74 23.44
C GLN B 48 -8.93 -6.50 24.52
N GLN B 49 -10.21 -6.16 24.67
CA GLN B 49 -10.99 -6.67 25.79
C GLN B 49 -11.71 -8.00 25.51
N HIS B 50 -12.17 -8.20 24.27
CA HIS B 50 -12.92 -9.40 23.92
C HIS B 50 -12.06 -10.53 23.33
N PHE B 51 -10.86 -10.20 22.85
CA PHE B 51 -9.99 -11.20 22.23
C PHE B 51 -8.67 -11.36 22.97
N MET B 52 -7.90 -10.27 23.10
CA MET B 52 -6.57 -10.32 23.73
C MET B 52 -6.58 -10.81 25.17
N LYS B 53 -7.42 -10.18 25.99
CA LYS B 53 -7.51 -10.53 27.42
C LYS B 53 -7.88 -12.02 27.62
N PRO B 54 -9.01 -12.50 27.04
CA PRO B 54 -9.33 -13.93 27.10
C PRO B 54 -8.27 -14.89 26.52
N LEU B 55 -7.63 -14.52 25.41
CA LEU B 55 -6.67 -15.42 24.73
C LEU B 55 -5.32 -15.56 25.44
N GLN B 56 -5.00 -14.62 26.32
CA GLN B 56 -3.78 -14.68 27.14
C GLN B 56 -3.73 -15.96 27.98
N ARG B 57 -4.90 -16.50 28.28
CA ARG B 57 -5.02 -17.75 29.03
C ARG B 57 -4.84 -18.98 28.16
N PHE B 58 -4.78 -18.77 26.84
CA PHE B 58 -4.65 -19.85 25.86
C PHE B 58 -3.31 -19.82 25.11
N LEU B 59 -2.78 -18.63 24.87
CA LEU B 59 -1.63 -18.47 23.98
C LEU B 59 -0.37 -18.06 24.73
N LYS B 60 0.77 -18.62 24.32
CA LYS B 60 2.09 -18.23 24.87
C LYS B 60 2.36 -16.77 24.54
N PRO B 61 3.19 -16.09 25.37
CA PRO B 61 3.55 -14.69 25.10
C PRO B 61 4.07 -14.49 23.67
N GLN B 62 4.85 -15.45 23.17
CA GLN B 62 5.39 -15.40 21.82
C GLN B 62 4.28 -15.34 20.78
N ASP B 63 3.24 -16.16 20.98
CA ASP B 63 2.07 -16.18 20.11
C ASP B 63 1.28 -14.87 20.16
N MET B 64 1.08 -14.35 21.37
CA MET B 64 0.38 -13.06 21.58
C MET B 64 1.09 -11.92 20.85
N GLU B 65 2.41 -11.92 20.94
CA GLU B 65 3.22 -10.88 20.31
C GLU B 65 3.11 -10.95 18.79
N THR B 66 3.17 -12.17 18.24
CA THR B 66 3.11 -12.38 16.79
C THR B 66 1.73 -12.02 16.21
N ILE B 67 0.67 -12.36 16.94
CA ILE B 67 -0.69 -12.16 16.46
C ILE B 67 -1.20 -10.73 16.65
N PHE B 68 -0.93 -10.13 17.81
CA PHE B 68 -1.48 -8.81 18.10
C PHE B 68 -0.54 -7.64 17.82
N VAL B 69 0.73 -7.93 17.56
CA VAL B 69 1.73 -6.94 17.16
C VAL B 69 1.65 -5.72 18.11
N ASN B 70 1.40 -4.52 17.59
CA ASN B 70 1.34 -3.30 18.43
C ASN B 70 -0.06 -2.69 18.54
N ILE B 71 -1.08 -3.53 18.43
CA ILE B 71 -2.45 -3.10 18.55
C ILE B 71 -2.71 -2.28 19.83
N GLU B 72 -2.06 -2.64 20.93
CA GLU B 72 -2.20 -1.88 22.19
C GLU B 72 -1.65 -0.46 22.10
N GLU B 73 -0.61 -0.27 21.29
CA GLU B 73 -0.06 1.07 21.02
C GLU B 73 -1.05 1.87 20.20
N LEU B 74 -1.61 1.23 19.19
CA LEU B 74 -2.68 1.83 18.37
C LEU B 74 -3.83 2.30 19.25
N PHE B 75 -4.27 1.45 20.17
CA PHE B 75 -5.38 1.82 21.06
C PHE B 75 -5.06 3.02 21.93
N SER B 76 -3.84 3.06 22.47
CA SER B 76 -3.39 4.16 23.32
C SER B 76 -3.36 5.48 22.55
N VAL B 77 -2.71 5.45 21.38
CA VAL B 77 -2.60 6.64 20.52
C VAL B 77 -3.97 7.17 20.10
N HIS B 78 -4.83 6.29 19.59
CA HIS B 78 -6.16 6.70 19.11
C HIS B 78 -7.14 7.16 20.18
N THR B 79 -7.06 6.57 21.36
CA THR B 79 -7.85 7.06 22.49
C THR B 79 -7.56 8.55 22.73
N HIS B 80 -6.28 8.92 22.68
CA HIS B 80 -5.89 10.30 22.91
C HIS B 80 -6.18 11.20 21.71
N PHE B 81 -5.91 10.68 20.52
CA PHE B 81 -6.28 11.34 19.26
C PHE B 81 -7.76 11.70 19.24
N LEU B 82 -8.63 10.75 19.56
CA LEU B 82 -10.08 10.98 19.59
C LEU B 82 -10.46 12.11 20.55
N LYS B 83 -9.88 12.11 21.75
CA LYS B 83 -10.16 13.19 22.69
C LYS B 83 -9.79 14.56 22.12
N GLU B 84 -8.60 14.67 21.53
CA GLU B 84 -8.15 15.95 20.96
C GLU B 84 -8.97 16.36 19.74
N LEU B 85 -9.35 15.35 18.95
CA LEU B 85 -10.22 15.54 17.77
C LEU B 85 -11.57 16.11 18.20
N LYS B 86 -12.18 15.51 19.22
CA LYS B 86 -13.46 16.00 19.74
C LYS B 86 -13.36 17.42 20.28
N ASP B 87 -12.26 17.71 20.98
CA ASP B 87 -11.97 19.06 21.48
C ASP B 87 -11.89 20.08 20.34
N ALA B 88 -11.14 19.76 19.29
CA ALA B 88 -11.00 20.61 18.11
C ALA B 88 -12.35 20.89 17.42
N LEU B 89 -13.14 19.84 17.22
CA LEU B 89 -14.44 19.94 16.58
C LEU B 89 -15.46 20.72 17.40
N ALA B 90 -15.31 20.73 18.72
CA ALA B 90 -16.21 21.46 19.60
C ALA B 90 -15.85 22.94 19.69
N GLY B 91 -14.65 23.30 19.23
CA GLY B 91 -14.16 24.68 19.31
C GLY B 91 -14.75 25.52 18.18
N PRO B 92 -14.78 26.86 18.36
CA PRO B 92 -15.39 27.73 17.36
C PRO B 92 -14.83 27.50 15.96
N GLY B 93 -15.72 27.18 15.02
CA GLY B 93 -15.37 26.98 13.62
C GLY B 93 -14.53 25.75 13.34
N ALA B 94 -14.32 24.90 14.35
CA ALA B 94 -13.40 23.74 14.23
C ALA B 94 -12.05 24.11 13.59
N THR B 95 -11.58 25.31 13.92
N THR B 95 -11.57 25.32 13.91
CA THR B 95 -10.42 25.94 13.26
CA THR B 95 -10.40 25.91 13.23
C THR B 95 -9.08 25.29 13.60
C THR B 95 -9.09 25.20 13.54
N THR B 96 -9.04 24.49 14.66
CA THR B 96 -7.79 23.81 15.05
C THR B 96 -7.75 22.35 14.61
N LEU B 97 -8.78 21.92 13.88
CA LEU B 97 -8.84 20.53 13.38
C LEU B 97 -7.58 20.13 12.62
N TYR B 98 -7.12 20.99 11.72
CA TYR B 98 -5.93 20.66 10.91
C TYR B 98 -4.69 20.38 11.79
N GLN B 99 -4.58 21.12 12.90
CA GLN B 99 -3.47 20.98 13.84
C GLN B 99 -3.42 19.61 14.50
N VAL B 100 -4.58 19.04 14.83
CA VAL B 100 -4.67 17.71 15.46
C VAL B 100 -4.07 16.64 14.55
N PHE B 101 -4.42 16.67 13.26
CA PHE B 101 -3.83 15.74 12.30
C PHE B 101 -2.33 15.90 12.18
N ILE B 102 -1.88 17.15 12.03
CA ILE B 102 -0.44 17.45 11.92
C ILE B 102 0.34 17.01 13.17
N LYS B 103 -0.25 17.30 14.33
CA LYS B 103 0.25 16.94 15.66
C LYS B 103 0.50 15.42 15.80
N TYR B 104 -0.38 14.62 15.22
CA TYR B 104 -0.35 13.16 15.38
C TYR B 104 0.34 12.40 14.23
N LYS B 105 0.68 13.11 13.16
CA LYS B 105 1.31 12.49 11.99
C LYS B 105 2.46 11.54 12.34
N GLU B 106 3.42 12.01 13.14
CA GLU B 106 4.57 11.19 13.50
C GLU B 106 4.21 10.06 14.47
N ARG B 107 3.23 10.31 15.33
CA ARG B 107 2.76 9.29 16.26
C ARG B 107 2.14 8.13 15.51
N PHE B 108 1.51 8.45 14.39
CA PHE B 108 0.86 7.46 13.54
C PHE B 108 1.83 6.60 12.74
N LEU B 109 3.12 6.90 12.84
CA LEU B 109 4.12 6.09 12.15
C LEU B 109 4.17 4.65 12.70
N VAL B 110 3.56 4.43 13.87
CA VAL B 110 3.40 3.08 14.42
C VAL B 110 2.65 2.11 13.45
N TYR B 111 1.89 2.66 12.51
CA TYR B 111 1.27 1.87 11.44
C TYR B 111 2.28 1.19 10.50
N GLY B 112 3.49 1.74 10.44
CA GLY B 112 4.59 1.12 9.67
C GLY B 112 4.86 -0.29 10.16
N ARG B 113 5.09 -0.43 11.47
CA ARG B 113 5.24 -1.75 12.09
C ARG B 113 3.99 -2.63 11.89
N TYR B 114 2.81 -2.06 12.14
CA TYR B 114 1.58 -2.86 12.10
C TYR B 114 1.36 -3.46 10.71
N CYS B 115 1.40 -2.62 9.70
CA CYS B 115 1.15 -3.07 8.34
C CYS B 115 2.25 -3.99 7.79
N SER B 116 3.47 -3.88 8.32
CA SER B 116 4.58 -4.77 7.92
C SER B 116 4.47 -6.17 8.52
N GLN B 117 3.71 -6.29 9.59
CA GLN B 117 3.61 -7.55 10.32
C GLN B 117 2.23 -8.21 10.30
N VAL B 118 1.22 -7.52 9.77
CA VAL B 118 -0.15 -8.03 9.84
C VAL B 118 -0.38 -9.32 9.03
N GLU B 119 0.35 -9.47 7.92
CA GLU B 119 0.28 -10.73 7.14
C GLU B 119 0.77 -11.92 7.95
N SER B 120 1.96 -11.78 8.53
CA SER B 120 2.56 -12.76 9.43
C SER B 120 1.65 -13.09 10.62
N ALA B 121 1.05 -12.06 11.22
CA ALA B 121 0.12 -12.21 12.33
C ALA B 121 -1.08 -13.06 11.95
N SER B 122 -1.66 -12.74 10.79
CA SER B 122 -2.83 -13.43 10.28
C SER B 122 -2.52 -14.90 9.96
N LYS B 123 -1.39 -15.11 9.30
CA LYS B 123 -0.87 -16.45 9.02
C LYS B 123 -0.70 -17.26 10.30
N HIS B 124 -0.07 -16.66 11.30
CA HIS B 124 0.18 -17.35 12.56
C HIS B 124 -1.10 -17.68 13.33
N LEU B 125 -2.06 -16.73 13.33
CA LEU B 125 -3.37 -16.95 13.93
C LEU B 125 -4.10 -18.14 13.30
N ASP B 126 -4.11 -18.20 11.97
CA ASP B 126 -4.71 -19.32 11.24
C ASP B 126 -4.04 -20.65 11.62
N GLN B 127 -2.71 -20.63 11.72
CA GLN B 127 -1.94 -21.84 12.06
C GLN B 127 -2.24 -22.38 13.46
N VAL B 128 -2.26 -21.49 14.45
CA VAL B 128 -2.60 -21.86 15.82
C VAL B 128 -4.04 -22.36 15.92
N ALA B 129 -4.97 -21.66 15.27
CA ALA B 129 -6.39 -22.04 15.31
C ALA B 129 -6.67 -23.38 14.61
N THR B 130 -5.95 -23.66 13.53
CA THR B 130 -6.09 -24.94 12.83
C THR B 130 -5.50 -26.08 13.67
N ALA B 131 -4.36 -25.82 14.30
CA ALA B 131 -3.68 -26.80 15.14
C ALA B 131 -4.42 -27.10 16.43
N ARG B 132 -5.05 -26.08 17.01
CA ARG B 132 -5.65 -26.22 18.34
C ARG B 132 -7.15 -25.98 18.36
N GLU B 133 -7.92 -27.06 18.50
CA GLU B 133 -9.39 -26.99 18.54
C GLU B 133 -9.91 -26.04 19.62
N ASP B 134 -9.25 -26.03 20.78
CA ASP B 134 -9.65 -25.17 21.91
C ASP B 134 -9.51 -23.68 21.61
N VAL B 135 -8.48 -23.33 20.84
CA VAL B 135 -8.28 -21.95 20.40
C VAL B 135 -9.34 -21.57 19.37
N GLN B 136 -9.61 -22.47 18.41
CA GLN B 136 -10.66 -22.25 17.41
C GLN B 136 -12.00 -21.98 18.08
N MET B 137 -12.35 -22.80 19.07
CA MET B 137 -13.59 -22.63 19.81
C MET B 137 -13.64 -21.35 20.62
N LYS B 138 -12.53 -21.00 21.26
CA LYS B 138 -12.45 -19.76 22.04
C LYS B 138 -12.63 -18.54 21.11
N LEU B 139 -12.01 -18.59 19.93
CA LEU B 139 -12.13 -17.52 18.95
C LEU B 139 -13.57 -17.31 18.50
N GLU B 140 -14.27 -18.43 18.26
CA GLU B 140 -15.70 -18.38 17.92
C GLU B 140 -16.51 -17.73 19.03
N GLU B 141 -16.21 -18.08 20.29
CA GLU B 141 -16.85 -17.49 21.46
C GLU B 141 -16.58 -15.99 21.57
N CYS B 142 -15.30 -15.62 21.43
CA CYS B 142 -14.88 -14.22 21.50
C CYS B 142 -15.60 -13.36 20.47
N SER B 143 -15.69 -13.86 19.24
CA SER B 143 -16.42 -13.19 18.17
C SER B 143 -17.90 -13.00 18.53
N GLN B 144 -18.50 -14.03 19.12
CA GLN B 144 -19.90 -13.98 19.56
C GLN B 144 -20.10 -12.90 20.61
N ARG B 145 -19.21 -12.86 21.61
CA ARG B 145 -19.27 -11.88 22.68
C ARG B 145 -19.03 -10.46 22.19
N ALA B 146 -18.13 -10.30 21.21
CA ALA B 146 -17.73 -8.99 20.73
C ALA B 146 -18.69 -8.34 19.74
N ASN B 147 -19.20 -9.14 18.81
CA ASN B 147 -19.97 -8.60 17.67
C ASN B 147 -21.07 -9.52 17.13
N ASN B 148 -21.49 -10.49 17.93
CA ASN B 148 -22.56 -11.42 17.55
C ASN B 148 -22.19 -12.32 16.36
N GLY B 149 -20.89 -12.59 16.22
CA GLY B 149 -20.38 -13.48 15.17
C GLY B 149 -20.24 -12.85 13.80
N ARG B 150 -20.40 -11.53 13.72
CA ARG B 150 -20.29 -10.82 12.45
C ARG B 150 -18.87 -10.81 11.91
N PHE B 151 -17.89 -10.70 12.80
CA PHE B 151 -16.50 -10.53 12.39
C PHE B 151 -15.55 -11.45 13.14
N THR B 152 -14.69 -12.15 12.39
CA THR B 152 -13.67 -13.00 13.00
C THR B 152 -12.51 -12.12 13.48
N LEU B 153 -11.68 -12.66 14.37
CA LEU B 153 -10.45 -11.95 14.73
C LEU B 153 -9.57 -11.70 13.50
N ARG B 154 -9.47 -12.68 12.60
CA ARG B 154 -8.68 -12.48 11.38
C ARG B 154 -9.13 -11.23 10.62
N ASP B 155 -10.45 -11.05 10.46
CA ASP B 155 -10.99 -9.85 9.80
C ASP B 155 -10.69 -8.58 10.59
N LEU B 156 -10.90 -8.63 11.91
CA LEU B 156 -10.67 -7.46 12.77
C LEU B 156 -9.24 -6.93 12.68
N LEU B 157 -8.28 -7.84 12.53
CA LEU B 157 -6.86 -7.45 12.45
C LEU B 157 -6.52 -6.58 11.24
N MET B 158 -7.39 -6.58 10.24
CA MET B 158 -7.18 -5.73 9.06
C MET B 158 -7.76 -4.32 9.18
N VAL B 159 -8.63 -4.12 10.17
CA VAL B 159 -9.33 -2.84 10.35
C VAL B 159 -8.36 -1.63 10.56
N PRO B 160 -7.25 -1.83 11.33
CA PRO B 160 -6.26 -0.74 11.41
C PRO B 160 -5.65 -0.32 10.07
N MET B 161 -5.31 -1.27 9.20
CA MET B 161 -4.79 -0.92 7.86
C MET B 161 -5.84 -0.08 7.12
N GLN B 162 -7.09 -0.53 7.19
CA GLN B 162 -8.18 0.20 6.52
C GLN B 162 -8.27 1.64 7.02
N ARG B 163 -8.21 1.82 8.34
CA ARG B 163 -8.45 3.13 8.99
C ARG B 163 -7.39 4.17 8.64
N VAL B 164 -6.11 3.81 8.76
CA VAL B 164 -5.05 4.78 8.51
C VAL B 164 -5.12 5.34 7.09
N LEU B 165 -5.64 4.54 6.16
CA LEU B 165 -5.78 4.96 4.77
C LEU B 165 -7.11 5.69 4.47
N LYS B 166 -7.94 5.91 5.50
CA LYS B 166 -9.16 6.73 5.34
C LYS B 166 -8.92 8.22 5.61
N TYR B 167 -7.89 8.54 6.38
CA TYR B 167 -7.73 9.91 6.83
C TYR B 167 -7.57 10.89 5.68
N HIS B 168 -6.74 10.54 4.71
CA HIS B 168 -6.54 11.43 3.56
C HIS B 168 -7.83 11.62 2.76
N LEU B 169 -8.65 10.58 2.69
CA LEU B 169 -9.95 10.63 2.01
C LEU B 169 -10.93 11.56 2.72
N LEU B 170 -11.06 11.42 4.03
CA LEU B 170 -11.95 12.29 4.81
C LEU B 170 -11.56 13.77 4.66
N LEU B 171 -10.26 14.03 4.68
CA LEU B 171 -9.78 15.41 4.56
C LEU B 171 -9.94 15.97 3.16
N GLN B 172 -9.73 15.12 2.17
CA GLN B 172 -9.94 15.49 0.76
C GLN B 172 -11.39 15.98 0.54
N GLU B 173 -12.34 15.24 1.10
CA GLU B 173 -13.76 15.62 1.05
C GLU B 173 -14.09 16.89 1.83
N LEU B 174 -13.54 17.00 3.04
CA LEU B 174 -13.74 18.19 3.86
C LEU B 174 -13.28 19.46 3.14
N VAL B 175 -12.10 19.39 2.52
CA VAL B 175 -11.54 20.49 1.73
C VAL B 175 -12.49 20.91 0.61
N LYS B 176 -13.03 19.91 -0.09
CA LYS B 176 -13.96 20.16 -1.20
C LYS B 176 -15.19 20.93 -0.73
N HIS B 177 -15.76 20.53 0.39
CA HIS B 177 -17.03 21.11 0.83
C HIS B 177 -16.91 22.53 1.37
N THR B 178 -15.94 22.78 2.26
CA THR B 178 -15.83 24.09 2.88
C THR B 178 -15.58 25.23 1.90
N GLN B 179 -16.32 26.32 2.07
CA GLN B 179 -16.22 27.50 1.20
C GLN B 179 -15.35 28.58 1.80
N ASP B 180 -14.75 28.26 2.94
CA ASP B 180 -13.87 29.16 3.66
C ASP B 180 -12.45 28.95 3.14
N ALA B 181 -11.92 29.95 2.45
CA ALA B 181 -10.59 29.81 1.81
C ALA B 181 -9.45 29.62 2.81
N THR B 182 -9.54 30.26 3.98
CA THR B 182 -8.57 30.08 5.06
C THR B 182 -8.60 28.63 5.58
N GLU B 183 -9.80 28.12 5.84
CA GLU B 183 -9.97 26.75 6.31
C GLU B 183 -9.50 25.74 5.27
N LYS B 184 -9.80 26.00 3.98
CA LYS B 184 -9.30 25.16 2.89
C LYS B 184 -7.78 25.05 2.93
N GLU B 185 -7.11 26.19 3.05
CA GLU B 185 -5.64 26.22 3.08
C GLU B 185 -5.06 25.42 4.25
N ASN B 186 -5.59 25.65 5.45
CA ASN B 186 -5.15 24.91 6.64
C ASN B 186 -5.41 23.41 6.54
N LEU B 187 -6.61 23.05 6.11
CA LEU B 187 -6.94 21.64 5.92
C LEU B 187 -6.08 20.97 4.84
N ARG B 188 -5.63 21.74 3.85
CA ARG B 188 -4.72 21.18 2.85
C ARG B 188 -3.38 20.76 3.46
N LEU B 189 -2.94 21.47 4.50
CA LEU B 189 -1.75 21.08 5.25
C LEU B 189 -1.97 19.74 5.95
N ALA B 190 -3.16 19.55 6.49
CA ALA B 190 -3.51 18.27 7.14
C ALA B 190 -3.66 17.15 6.12
N LEU B 191 -4.21 17.48 4.95
CA LEU B 191 -4.36 16.52 3.84
C LEU B 191 -2.98 16.05 3.39
N ASP B 192 -2.08 17.00 3.16
CA ASP B 192 -0.68 16.71 2.84
C ASP B 192 -0.04 15.79 3.89
N ALA B 193 -0.29 16.08 5.17
CA ALA B 193 0.26 15.28 6.26
C ALA B 193 -0.23 13.83 6.23
N MET B 194 -1.53 13.64 5.97
CA MET B 194 -2.11 12.29 5.97
C MET B 194 -1.77 11.49 4.70
N ARG B 195 -1.59 12.18 3.58
CA ARG B 195 -1.07 11.54 2.38
C ARG B 195 0.38 11.14 2.61
N ASP B 196 1.14 12.01 3.27
CA ASP B 196 2.55 11.73 3.60
C ASP B 196 2.65 10.50 4.49
N LEU B 197 1.81 10.47 5.52
CA LEU B 197 1.73 9.33 6.44
C LEU B 197 1.45 8.03 5.70
N ALA B 198 0.42 8.03 4.86
CA ALA B 198 0.08 6.84 4.07
C ALA B 198 1.28 6.35 3.25
N GLN B 199 1.96 7.28 2.59
CA GLN B 199 3.16 6.94 1.81
C GLN B 199 4.28 6.36 2.67
N CYS B 200 4.45 6.93 3.86
CA CYS B 200 5.45 6.46 4.81
C CYS B 200 5.16 5.02 5.21
N VAL B 201 3.89 4.73 5.50
CA VAL B 201 3.50 3.38 5.91
C VAL B 201 3.76 2.39 4.77
N ASN B 202 3.39 2.79 3.56
CA ASN B 202 3.66 2.00 2.35
C ASN B 202 5.15 1.73 2.18
N GLU B 203 5.99 2.74 2.44
CA GLU B 203 7.44 2.59 2.22
C GLU B 203 8.13 1.80 3.33
N VAL B 204 7.59 1.86 4.54
CA VAL B 204 8.06 1.02 5.64
C VAL B 204 7.83 -0.46 5.29
N LYS B 205 6.64 -0.78 4.79
CA LYS B 205 6.34 -2.15 4.37
C LYS B 205 7.31 -2.58 3.28
N ARG B 206 7.52 -1.72 2.28
CA ARG B 206 8.44 -2.03 1.18
C ARG B 206 9.85 -2.28 1.70
N ASP B 207 10.34 -1.41 2.60
CA ASP B 207 11.68 -1.57 3.16
C ASP B 207 11.85 -2.87 3.97
N ASN B 208 10.84 -3.23 4.74
CA ASN B 208 10.87 -4.49 5.51
C ASN B 208 10.89 -5.72 4.60
N GLU B 209 10.20 -5.64 3.47
CA GLU B 209 10.22 -6.67 2.44
C GLU B 209 11.60 -6.77 1.78
N THR B 210 12.16 -5.61 1.44
CA THR B 210 13.52 -5.52 0.89
C THR B 210 14.57 -6.06 1.86
N LEU B 211 14.40 -5.74 3.15
CA LEU B 211 15.34 -6.20 4.17
C LEU B 211 15.31 -7.71 4.38
N ARG B 212 14.13 -8.31 4.22
CA ARG B 212 14.01 -9.78 4.25
C ARG B 212 14.80 -10.41 3.11
N GLN B 213 14.70 -9.81 1.93
CA GLN B 213 15.45 -10.23 0.75
C GLN B 213 16.96 -10.12 1.01
N ILE B 214 17.40 -8.97 1.55
CA ILE B 214 18.81 -8.75 1.92
C ILE B 214 19.32 -9.78 2.94
N THR B 215 18.53 -10.02 3.99
CA THR B 215 18.93 -11.02 5.01
C THR B 215 19.13 -12.41 4.38
N ASN B 216 18.20 -12.83 3.53
CA ASN B 216 18.32 -14.09 2.78
C ASN B 216 19.59 -14.16 1.92
N PHE B 217 19.90 -13.08 1.19
CA PHE B 217 21.14 -13.00 0.43
C PHE B 217 22.35 -13.14 1.37
N GLN B 218 22.33 -12.37 2.46
CA GLN B 218 23.45 -12.32 3.40
C GLN B 218 23.81 -13.70 3.92
N LEU B 219 22.79 -14.46 4.32
CA LEU B 219 22.97 -15.81 4.87
C LEU B 219 23.65 -16.78 3.91
N SER B 220 23.53 -16.51 2.62
CA SER B 220 24.11 -17.37 1.58
C SER B 220 25.50 -16.91 1.11
N ILE B 221 25.92 -15.73 1.54
CA ILE B 221 27.22 -15.20 1.15
C ILE B 221 28.26 -15.39 2.27
N GLU B 222 29.41 -15.95 1.89
CA GLU B 222 30.52 -16.10 2.82
C GLU B 222 31.59 -15.03 2.64
N ASN B 223 32.19 -14.62 3.76
CA ASN B 223 33.31 -13.68 3.79
C ASN B 223 32.95 -12.21 3.55
N LEU B 224 31.72 -11.85 3.92
CA LEU B 224 31.28 -10.46 3.90
C LEU B 224 32.04 -9.63 4.94
N ASP B 225 32.45 -8.44 4.53
CA ASP B 225 33.15 -7.52 5.42
C ASP B 225 32.23 -6.77 6.38
N GLN B 226 30.94 -6.69 6.01
CA GLN B 226 29.96 -5.95 6.80
C GLN B 226 28.53 -6.40 6.49
N SER B 227 27.57 -5.89 7.25
CA SER B 227 26.15 -6.11 6.97
C SER B 227 25.85 -5.77 5.51
N LEU B 228 25.10 -6.64 4.84
CA LEU B 228 24.81 -6.45 3.42
C LEU B 228 23.97 -5.21 3.17
N ALA B 229 23.11 -4.88 4.13
CA ALA B 229 22.22 -3.72 4.01
C ALA B 229 22.99 -2.39 3.96
N ASN B 230 24.23 -2.41 4.42
CA ASN B 230 25.12 -1.25 4.32
C ASN B 230 25.37 -0.84 2.87
N TYR B 231 25.29 -1.82 1.96
CA TYR B 231 25.49 -1.58 0.52
C TYR B 231 24.25 -1.04 -0.19
N GLY B 232 23.14 -0.97 0.54
CA GLY B 232 21.89 -0.44 0.00
C GLY B 232 20.92 -1.51 -0.48
N ARG B 233 20.10 -1.15 -1.47
CA ARG B 233 19.07 -2.06 -1.99
C ARG B 233 19.58 -2.93 -3.14
N PRO B 234 19.22 -4.23 -3.14
CA PRO B 234 19.56 -5.12 -4.25
C PRO B 234 18.96 -4.62 -5.56
N LYS B 235 19.72 -4.80 -6.64
CA LYS B 235 19.29 -4.36 -7.97
C LYS B 235 19.03 -5.57 -8.85
N ILE B 236 20.03 -6.45 -8.93
CA ILE B 236 19.98 -7.66 -9.74
C ILE B 236 21.09 -8.60 -9.28
N ASP B 237 20.84 -9.90 -9.41
CA ASP B 237 21.86 -10.90 -9.13
C ASP B 237 21.82 -11.99 -10.18
N GLY B 238 22.94 -12.64 -10.43
CA GLY B 238 22.98 -13.70 -11.43
C GLY B 238 24.37 -14.11 -11.89
N GLU B 239 24.39 -15.09 -12.79
CA GLU B 239 25.63 -15.64 -13.34
C GLU B 239 26.24 -14.68 -14.36
N LEU B 240 27.55 -14.55 -14.32
CA LEU B 240 28.30 -13.83 -15.37
C LEU B 240 29.71 -14.39 -15.50
N LYS B 241 30.42 -13.94 -16.52
CA LYS B 241 31.84 -14.24 -16.68
C LYS B 241 32.62 -12.94 -16.59
N ILE B 242 33.75 -12.99 -15.89
CA ILE B 242 34.50 -11.77 -15.59
C ILE B 242 35.98 -11.95 -15.91
N THR B 243 36.58 -10.90 -16.45
CA THR B 243 38.03 -10.80 -16.55
C THR B 243 38.52 -9.60 -15.74
N SER B 244 39.69 -9.73 -15.15
CA SER B 244 40.30 -8.67 -14.37
C SER B 244 41.73 -8.42 -14.89
N VAL B 245 42.38 -7.38 -14.39
CA VAL B 245 43.79 -7.16 -14.68
C VAL B 245 44.61 -8.34 -14.11
N GLU B 246 44.27 -8.72 -12.88
CA GLU B 246 44.93 -9.83 -12.19
C GLU B 246 44.61 -11.21 -12.78
N ARG B 247 43.55 -11.29 -13.58
CA ARG B 247 43.09 -12.56 -14.15
C ARG B 247 42.44 -12.34 -15.53
N ARG B 248 43.20 -12.60 -16.59
CA ARG B 248 42.87 -12.13 -17.94
C ARG B 248 41.79 -12.91 -18.72
N SER B 249 41.69 -14.22 -18.51
CA SER B 249 40.69 -15.03 -19.19
C SER B 249 39.35 -15.00 -18.46
N LYS B 250 38.30 -15.48 -19.12
CA LYS B 250 36.94 -15.47 -18.57
C LYS B 250 36.74 -16.50 -17.46
N THR B 251 36.47 -15.99 -16.26
CA THR B 251 36.22 -16.84 -15.09
C THR B 251 34.75 -16.76 -14.71
N ASP B 252 34.15 -17.91 -14.40
CA ASP B 252 32.75 -17.98 -14.00
C ASP B 252 32.53 -17.39 -12.60
N ARG B 253 31.61 -16.45 -12.51
CA ARG B 253 31.28 -15.83 -11.22
C ARG B 253 29.78 -15.71 -11.00
N TYR B 254 29.40 -15.46 -9.75
CA TYR B 254 28.04 -15.09 -9.42
C TYR B 254 28.06 -13.75 -8.71
N ALA B 255 27.29 -12.80 -9.22
CA ALA B 255 27.35 -11.43 -8.73
C ALA B 255 26.03 -10.96 -8.13
N PHE B 256 26.14 -10.12 -7.10
CA PHE B 256 25.00 -9.42 -6.53
C PHE B 256 25.27 -7.93 -6.71
N LEU B 257 24.42 -7.25 -7.47
CA LEU B 257 24.52 -5.80 -7.58
C LEU B 257 23.58 -5.11 -6.59
N LEU B 258 24.16 -4.28 -5.72
CA LEU B 258 23.39 -3.40 -4.84
C LEU B 258 23.79 -1.97 -5.18
N ASP B 259 23.17 -0.99 -4.52
CA ASP B 259 23.47 0.42 -4.81
C ASP B 259 24.97 0.75 -4.77
N LYS B 260 25.63 0.37 -3.68
CA LYS B 260 26.98 0.84 -3.38
C LYS B 260 28.11 -0.04 -3.93
N ALA B 261 27.79 -1.26 -4.35
CA ALA B 261 28.83 -2.17 -4.82
C ALA B 261 28.32 -3.32 -5.67
N LEU B 262 29.19 -3.81 -6.53
CA LEU B 262 29.02 -5.12 -7.15
C LEU B 262 29.82 -6.11 -6.31
N LEU B 263 29.13 -7.08 -5.74
CA LEU B 263 29.79 -8.14 -4.97
C LEU B 263 30.00 -9.33 -5.88
N ILE B 264 31.26 -9.55 -6.26
CA ILE B 264 31.65 -10.66 -7.11
C ILE B 264 31.96 -11.89 -6.25
N CYS B 265 31.19 -12.96 -6.45
CA CYS B 265 31.32 -14.19 -5.67
C CYS B 265 31.58 -15.40 -6.55
N LYS B 266 32.08 -16.46 -5.93
CA LYS B 266 32.21 -17.76 -6.58
C LYS B 266 31.28 -18.74 -5.88
N ARG B 267 30.41 -19.38 -6.65
CA ARG B 267 29.47 -20.34 -6.09
C ARG B 267 30.23 -21.55 -5.55
N ARG B 268 30.09 -21.78 -4.25
CA ARG B 268 30.62 -22.96 -3.60
C ARG B 268 29.45 -23.72 -3.00
N GLY B 269 28.94 -24.69 -3.77
CA GLY B 269 27.77 -25.47 -3.38
C GLY B 269 26.50 -24.64 -3.49
N ASP B 270 25.84 -24.45 -2.35
CA ASP B 270 24.61 -23.67 -2.29
C ASP B 270 24.86 -22.25 -1.76
N SER B 271 26.11 -21.97 -1.41
CA SER B 271 26.52 -20.67 -0.91
C SER B 271 27.43 -19.94 -1.91
N TYR B 272 27.78 -18.70 -1.58
CA TYR B 272 28.59 -17.88 -2.48
C TYR B 272 29.74 -17.25 -1.70
N ASP B 273 30.96 -17.45 -2.18
CA ASP B 273 32.13 -16.88 -1.51
C ASP B 273 32.56 -15.57 -2.14
N LEU B 274 32.55 -14.51 -1.34
CA LEU B 274 32.92 -13.17 -1.78
C LEU B 274 34.38 -13.09 -2.17
N LYS B 275 34.64 -12.74 -3.42
CA LYS B 275 36.00 -12.59 -3.94
C LYS B 275 36.41 -11.13 -4.05
N ALA B 276 35.46 -10.27 -4.43
CA ALA B 276 35.71 -8.84 -4.61
C ALA B 276 34.45 -8.01 -4.41
N SER B 277 34.56 -6.93 -3.64
CA SER B 277 33.50 -5.94 -3.56
C SER B 277 33.95 -4.71 -4.34
N VAL B 278 33.34 -4.52 -5.51
CA VAL B 278 33.67 -3.41 -6.41
C VAL B 278 32.88 -2.17 -5.99
N ASN B 279 33.59 -1.18 -5.45
CA ASN B 279 32.98 0.04 -4.96
C ASN B 279 32.49 0.94 -6.10
N LEU B 280 31.18 1.19 -6.14
CA LEU B 280 30.60 1.94 -7.25
C LEU B 280 30.74 3.47 -7.11
N HIS B 281 31.24 3.92 -5.96
CA HIS B 281 31.60 5.33 -5.80
C HIS B 281 32.69 5.70 -6.80
N SER B 282 33.54 4.72 -7.12
CA SER B 282 34.69 4.93 -8.00
C SER B 282 34.45 4.38 -9.41
N PHE B 283 33.95 3.16 -9.49
CA PHE B 283 33.84 2.44 -10.75
C PHE B 283 32.65 2.89 -11.60
N GLN B 284 32.90 3.06 -12.89
CA GLN B 284 31.92 3.57 -13.83
C GLN B 284 31.73 2.59 -14.99
N VAL B 285 30.54 2.59 -15.57
CA VAL B 285 30.23 1.72 -16.70
C VAL B 285 30.67 2.36 -18.02
N ARG B 286 31.48 1.63 -18.77
CA ARG B 286 31.78 2.01 -20.15
C ARG B 286 31.27 0.92 -21.08
N ASP B 287 30.40 1.33 -22.00
CA ASP B 287 29.75 0.43 -22.95
C ASP B 287 30.73 -0.15 -23.96
N LYS B 296 28.07 -14.13 -30.27
CA LYS B 296 27.40 -15.34 -29.78
C LYS B 296 27.21 -15.28 -28.27
N LYS B 297 26.83 -16.42 -27.68
CA LYS B 297 26.72 -16.56 -26.23
C LYS B 297 27.98 -16.06 -25.52
N TRP B 298 27.79 -15.26 -24.47
CA TRP B 298 28.87 -14.78 -23.61
C TRP B 298 29.81 -13.74 -24.25
N SER B 299 29.42 -13.21 -25.41
CA SER B 299 30.21 -12.17 -26.07
C SER B 299 29.76 -10.75 -25.70
N HIS B 300 28.56 -10.66 -25.15
CA HIS B 300 27.92 -9.39 -24.79
C HIS B 300 28.52 -8.84 -23.50
N MET B 301 29.22 -7.72 -23.61
CA MET B 301 29.99 -7.22 -22.48
C MET B 301 30.00 -5.71 -22.32
N PHE B 302 30.26 -5.27 -21.10
CA PHE B 302 30.64 -3.88 -20.84
C PHE B 302 31.72 -3.82 -19.76
N LEU B 303 32.39 -2.68 -19.68
CA LEU B 303 33.49 -2.51 -18.74
C LEU B 303 33.03 -1.85 -17.45
N LEU B 304 33.57 -2.32 -16.33
CA LEU B 304 33.43 -1.64 -15.05
C LEU B 304 34.83 -1.15 -14.67
N ILE B 305 35.03 0.15 -14.86
CA ILE B 305 36.36 0.76 -14.71
C ILE B 305 36.38 1.96 -13.76
N GLU B 306 37.46 2.08 -13.01
CA GLU B 306 37.68 3.21 -12.12
C GLU B 306 38.20 4.40 -12.92
N ASP B 307 37.78 5.61 -12.52
CA ASP B 307 38.16 6.85 -13.20
C ASP B 307 39.64 6.88 -13.60
N GLN B 308 40.52 6.66 -12.64
CA GLN B 308 41.96 6.69 -12.90
C GLN B 308 42.67 5.46 -12.33
N GLY B 309 41.94 4.36 -12.22
CA GLY B 309 42.41 3.17 -11.49
C GLY B 309 43.25 2.18 -12.27
N ALA B 310 43.97 1.34 -11.53
CA ALA B 310 44.81 0.29 -12.10
C ALA B 310 44.02 -0.99 -12.33
N GLN B 311 42.81 -1.07 -11.77
CA GLN B 311 41.94 -2.23 -11.89
C GLN B 311 40.73 -1.91 -12.77
N GLY B 312 40.44 -2.81 -13.70
CA GLY B 312 39.25 -2.74 -14.54
C GLY B 312 38.66 -4.12 -14.75
N TYR B 313 37.34 -4.20 -14.87
CA TYR B 313 36.67 -5.48 -15.11
C TYR B 313 35.96 -5.47 -16.44
N GLU B 314 35.99 -6.61 -17.13
CA GLU B 314 35.09 -6.86 -18.25
C GLU B 314 34.01 -7.80 -17.74
N LEU B 315 32.75 -7.40 -17.89
CA LEU B 315 31.63 -8.23 -17.47
C LEU B 315 30.95 -8.82 -18.69
N PHE B 316 30.97 -10.14 -18.80
CA PHE B 316 30.35 -10.84 -19.93
C PHE B 316 29.07 -11.52 -19.49
N PHE B 317 28.03 -11.39 -20.32
CA PHE B 317 26.73 -12.00 -20.04
C PHE B 317 26.33 -12.95 -21.15
N LYS B 318 25.51 -13.94 -20.80
CA LYS B 318 25.10 -15.00 -21.73
C LYS B 318 24.41 -14.44 -22.98
N THR B 319 23.55 -13.45 -22.80
CA THR B 319 22.74 -12.90 -23.88
C THR B 319 22.76 -11.38 -23.87
N ARG B 320 22.45 -10.77 -25.01
CA ARG B 320 22.31 -9.32 -25.11
C ARG B 320 21.23 -8.79 -24.15
N GLU B 321 20.14 -9.54 -23.99
CA GLU B 321 19.06 -9.14 -23.10
C GLU B 321 19.52 -9.04 -21.65
N LEU B 322 20.33 -10.00 -21.21
CA LEU B 322 20.89 -9.96 -19.86
C LEU B 322 21.87 -8.79 -19.70
N LYS B 323 22.69 -8.56 -20.73
CA LYS B 323 23.60 -7.39 -20.75
C LYS B 323 22.82 -6.08 -20.56
N LYS B 324 21.76 -5.90 -21.34
CA LYS B 324 20.92 -4.70 -21.24
C LYS B 324 20.35 -4.52 -19.83
N LYS B 325 19.83 -5.60 -19.26
CA LYS B 325 19.23 -5.61 -17.94
C LYS B 325 20.24 -5.19 -16.86
N TRP B 326 21.45 -5.72 -16.93
CA TRP B 326 22.50 -5.37 -15.98
C TRP B 326 22.95 -3.91 -16.12
N MET B 327 23.15 -3.47 -17.36
CA MET B 327 23.57 -2.08 -17.60
C MET B 327 22.55 -1.10 -17.05
N GLU B 328 21.27 -1.40 -17.24
CA GLU B 328 20.18 -0.58 -16.72
C GLU B 328 20.22 -0.51 -15.20
N GLN B 329 20.51 -1.64 -14.56
CA GLN B 329 20.59 -1.69 -13.10
C GLN B 329 21.82 -0.94 -12.54
N PHE B 330 22.94 -1.02 -13.27
CA PHE B 330 24.13 -0.24 -12.91
C PHE B 330 23.86 1.26 -12.98
N GLU B 331 23.09 1.68 -13.99
CA GLU B 331 22.68 3.09 -14.12
C GLU B 331 21.87 3.54 -12.91
N MET B 332 20.97 2.67 -12.46
CA MET B 332 20.10 2.98 -11.32
C MET B 332 20.91 3.07 -10.04
N ALA B 333 21.82 2.12 -9.84
CA ALA B 333 22.69 2.12 -8.67
C ALA B 333 23.54 3.40 -8.59
N ILE B 334 24.15 3.79 -9.71
CA ILE B 334 25.01 4.97 -9.75
C ILE B 334 24.22 6.26 -9.58
N SER B 335 22.98 6.26 -10.08
CA SER B 335 22.07 7.40 -9.89
C SER B 335 21.69 7.59 -8.43
N ASN B 336 21.63 6.49 -7.69
CA ASN B 336 21.38 6.56 -6.25
C ASN B 336 22.57 7.10 -5.48
N ILE B 337 23.78 6.66 -5.84
CA ILE B 337 25.02 7.18 -5.20
C ILE B 337 25.26 8.64 -5.57
N TYR B 338 25.04 8.96 -6.84
CA TYR B 338 25.29 10.29 -7.38
C TYR B 338 24.05 10.88 -8.05
N PRO B 339 23.06 11.27 -7.25
CA PRO B 339 21.80 11.73 -7.82
C PRO B 339 21.93 13.10 -8.49
N GLU B 340 20.99 13.39 -9.39
CA GLU B 340 20.87 14.72 -9.96
C GLU B 340 20.83 15.73 -8.82
N ASN B 341 21.63 16.79 -8.95
CA ASN B 341 21.67 17.89 -7.98
C ASN B 341 22.33 17.54 -6.65
N ALA B 342 23.14 16.49 -6.63
CA ALA B 342 23.86 16.07 -5.43
C ALA B 342 24.75 17.17 -4.87
N THR B 343 25.28 18.02 -5.76
CA THR B 343 26.15 19.11 -5.32
C THR B 343 25.58 20.47 -5.70
N ALA B 344 24.25 20.53 -5.86
CA ALA B 344 23.57 21.79 -6.14
C ALA B 344 23.69 22.75 -4.97
N ASN B 345 23.86 24.04 -5.28
CA ASN B 345 23.74 25.10 -4.28
C ASN B 345 24.70 24.96 -3.09
N GLY B 346 25.87 24.41 -3.37
CA GLY B 346 26.94 24.30 -2.37
C GLY B 346 26.93 23.04 -1.54
N HIS B 347 25.87 22.24 -1.67
CA HIS B 347 25.72 21.02 -0.87
C HIS B 347 26.64 19.88 -1.37
N ASP B 348 26.69 18.80 -0.57
CA ASP B 348 27.31 17.53 -0.98
C ASP B 348 26.46 16.38 -0.41
N PHE B 349 25.38 16.07 -1.11
CA PHE B 349 24.39 15.10 -0.64
C PHE B 349 24.89 13.68 -0.87
N GLN B 350 24.74 12.85 0.15
CA GLN B 350 25.10 11.44 0.05
C GLN B 350 23.99 10.57 0.61
N MET B 351 23.86 9.37 0.05
CA MET B 351 22.89 8.39 0.56
C MET B 351 23.07 8.26 2.07
N PHE B 352 21.96 8.28 2.79
CA PHE B 352 22.00 8.23 4.25
C PHE B 352 20.87 7.42 4.83
N SER B 353 21.18 6.60 5.83
CA SER B 353 20.17 5.84 6.58
C SER B 353 19.82 6.55 7.87
N PHE B 354 18.61 7.10 7.93
CA PHE B 354 18.16 7.83 9.10
C PHE B 354 17.58 6.87 10.14
N GLU B 355 18.04 7.03 11.37
CA GLU B 355 17.65 6.16 12.48
C GLU B 355 16.58 6.78 13.38
N GLU B 356 16.21 8.01 13.07
CA GLU B 356 15.13 8.72 13.77
C GLU B 356 14.20 9.35 12.74
N THR B 357 12.97 9.65 13.15
CA THR B 357 12.02 10.35 12.27
C THR B 357 12.61 11.68 11.81
N THR B 358 12.61 11.89 10.50
CA THR B 358 13.31 13.03 9.91
C THR B 358 12.48 13.65 8.80
N SER B 359 12.50 14.98 8.71
CA SER B 359 11.79 15.71 7.66
C SER B 359 12.75 16.27 6.61
N CYS B 360 12.27 16.34 5.37
CA CYS B 360 13.06 16.87 4.25
C CYS B 360 13.17 18.39 4.36
N LYS B 361 14.38 18.90 4.18
CA LYS B 361 14.65 20.33 4.33
C LYS B 361 14.00 21.17 3.22
N ALA B 362 13.73 20.56 2.07
CA ALA B 362 13.04 21.26 0.97
C ALA B 362 11.53 21.29 1.12
N CYS B 363 10.90 20.11 1.23
CA CYS B 363 9.44 20.00 1.15
C CYS B 363 8.74 19.83 2.51
N GLN B 364 9.53 19.60 3.56
CA GLN B 364 9.03 19.45 4.94
C GLN B 364 8.26 18.15 5.22
N MET B 365 8.15 17.28 4.21
CA MET B 365 7.55 15.96 4.39
C MET B 365 8.57 14.95 4.91
N LEU B 366 8.07 13.84 5.45
CA LEU B 366 8.94 12.87 6.10
C LEU B 366 9.80 12.10 5.12
N LEU B 367 11.05 11.83 5.50
CA LEU B 367 11.83 10.81 4.83
C LEU B 367 11.17 9.47 5.14
N ARG B 368 11.04 8.64 4.11
CA ARG B 368 10.14 7.48 4.15
C ARG B 368 10.88 6.16 4.08
N GLY B 369 10.48 5.21 4.92
CA GLY B 369 11.11 3.90 4.98
C GLY B 369 11.93 3.71 6.24
N THR B 370 12.72 2.64 6.27
CA THR B 370 13.47 2.29 7.48
C THR B 370 14.99 2.30 7.30
N PHE B 371 15.45 2.44 6.05
CA PHE B 371 16.89 2.58 5.76
C PHE B 371 17.12 3.21 4.38
N TYR B 372 18.29 3.84 4.21
CA TYR B 372 18.60 4.64 3.02
C TYR B 372 17.36 5.34 2.43
N GLN B 373 16.73 6.16 3.26
CA GLN B 373 15.45 6.80 2.94
C GLN B 373 15.65 7.99 2.00
N GLY B 374 16.85 8.54 2.01
CA GLY B 374 17.13 9.70 1.20
C GLY B 374 18.58 10.10 1.35
N TYR B 375 18.80 11.40 1.49
CA TYR B 375 20.14 11.97 1.43
C TYR B 375 20.39 12.90 2.60
N ARG B 376 21.65 13.06 2.96
CA ARG B 376 22.07 14.01 3.99
C ARG B 376 23.27 14.78 3.46
N CYS B 377 23.23 16.10 3.54
CA CYS B 377 24.35 16.90 3.07
C CYS B 377 25.53 16.73 3.99
N TYR B 378 26.68 16.35 3.44
CA TYR B 378 27.89 16.16 4.22
C TYR B 378 28.29 17.44 4.95
N ARG B 379 28.13 18.59 4.29
CA ARG B 379 28.53 19.88 4.85
C ARG B 379 27.62 20.40 5.97
N CYS B 380 26.33 20.54 5.68
CA CYS B 380 25.39 21.21 6.58
C CYS B 380 24.42 20.27 7.31
N ARG B 381 24.47 18.98 6.95
CA ARG B 381 23.65 17.91 7.55
C ARG B 381 22.16 17.99 7.18
N ALA B 382 21.80 18.81 6.18
CA ALA B 382 20.40 18.88 5.76
C ALA B 382 19.93 17.54 5.17
N PRO B 383 18.81 16.99 5.68
CA PRO B 383 18.21 15.80 5.07
C PRO B 383 17.31 16.17 3.89
N ALA B 384 17.21 15.29 2.89
CA ALA B 384 16.38 15.56 1.71
C ALA B 384 16.01 14.28 0.96
N HIS B 385 14.84 14.30 0.34
CA HIS B 385 14.41 13.25 -0.57
C HIS B 385 15.27 13.34 -1.83
N LYS B 386 15.47 12.21 -2.52
CA LYS B 386 16.19 12.23 -3.81
C LYS B 386 15.64 13.28 -4.77
N GLU B 387 14.32 13.41 -4.81
CA GLU B 387 13.64 14.31 -5.77
C GLU B 387 13.73 15.79 -5.39
N CYS B 388 14.22 16.07 -4.18
CA CYS B 388 14.16 17.40 -3.57
C CYS B 388 15.50 18.13 -3.46
N LEU B 389 16.57 17.45 -3.88
CA LEU B 389 17.94 17.93 -3.67
C LEU B 389 18.21 19.33 -4.24
N GLY B 390 17.69 19.59 -5.43
CA GLY B 390 17.82 20.90 -6.08
C GLY B 390 16.98 22.00 -5.46
N ARG B 391 16.10 21.63 -4.51
CA ARG B 391 15.19 22.60 -3.91
C ARG B 391 15.50 22.91 -2.45
N VAL B 392 16.54 22.28 -1.90
CA VAL B 392 17.03 22.60 -0.57
C VAL B 392 17.73 23.97 -0.62
N PRO B 393 17.38 24.90 0.29
CA PRO B 393 18.04 26.22 0.34
C PRO B 393 19.58 26.09 0.40
N PRO B 394 20.31 27.07 -0.20
CA PRO B 394 21.77 26.96 -0.35
C PRO B 394 22.50 26.56 0.92
N CYS B 395 23.57 25.79 0.75
CA CYS B 395 24.33 25.21 1.86
C CYS B 395 24.91 26.29 2.78
ZN ZN C . 24.54 21.48 2.63
ZN ZN D . 11.38 16.51 0.03
#